data_2Z8O
#
_entry.id   2Z8O
#
_cell.length_a   70.755
_cell.length_b   70.755
_cell.length_c   200.710
_cell.angle_alpha   90.00
_cell.angle_beta   90.00
_cell.angle_gamma   90.00
#
_symmetry.space_group_name_H-M   'P 41 2 2'
#
loop_
_entity.id
_entity.type
_entity.pdbx_description
1 polymer '27.5 kDa virulence protein'
2 non-polymer 'L(+)-TARTARIC ACID'
3 water water
#
_entity_poly.entity_id   1
_entity_poly.type   'polypeptide(L)'
_entity_poly.pdbx_seq_one_letter_code
;(MSE)PINRPNLNLNIPPLNIVAAYDGAEIPSTNKHLKNNFNSLHNQ(MSE)RK(MSE)PVSHFKEALDVPDYSG(MSE)
RQSGFFA(MSE)SQGFQLNNHGYDVFIHARRESPQSQGKFAGDKFHISVLRD(MSE)VPQAFQALSGLLFSEDSPVDKWK
VTD(MSE)EKVVQQARVSLGAQFTLYIKPDQENSQYSASFLHKTRQFIECLESRLSENGVISGQCPESDVHPENWKYLSY
RNELRSGRDGGE(MSE)QRQALREEPFYRL(MSE)TE
;
_entity_poly.pdbx_strand_id   A,B
#
loop_
_chem_comp.id
_chem_comp.type
_chem_comp.name
_chem_comp.formula
TLA non-polymer 'L(+)-TARTARIC ACID' 'C4 H6 O6'
#
# COMPACT_ATOMS: atom_id res chain seq x y z
N PRO A 27 -17.81 17.07 -11.60
CA PRO A 27 -16.47 17.59 -11.94
C PRO A 27 -15.37 16.63 -11.49
N SER A 28 -14.65 16.06 -12.46
CA SER A 28 -13.57 15.12 -12.15
C SER A 28 -12.78 14.71 -13.39
N THR A 29 -11.70 13.97 -13.16
CA THR A 29 -10.82 13.49 -14.23
C THR A 29 -11.60 12.65 -15.23
N ASN A 30 -12.42 11.75 -14.71
CA ASN A 30 -13.23 10.87 -15.55
C ASN A 30 -14.31 11.63 -16.34
N LYS A 31 -14.80 12.73 -15.77
CA LYS A 31 -15.82 13.51 -16.47
C LYS A 31 -15.19 14.22 -17.67
N HIS A 32 -13.98 14.75 -17.48
CA HIS A 32 -13.30 15.41 -18.58
C HIS A 32 -13.04 14.38 -19.69
N LEU A 33 -12.78 13.14 -19.30
CA LEU A 33 -12.54 12.08 -20.27
C LEU A 33 -13.80 11.78 -21.08
N LYS A 34 -14.91 11.54 -20.37
CA LYS A 34 -16.18 11.27 -21.03
C LYS A 34 -16.53 12.39 -21.98
N ASN A 35 -16.35 13.64 -21.54
CA ASN A 35 -16.69 14.77 -22.39
C ASN A 35 -15.77 15.08 -23.57
N ASN A 36 -14.53 14.63 -23.52
CA ASN A 36 -13.57 14.86 -24.60
C ASN A 36 -13.16 13.50 -25.16
N PHE A 37 -14.00 12.49 -24.90
CA PHE A 37 -13.73 11.14 -25.33
C PHE A 37 -13.21 11.00 -26.75
N ASN A 38 -14.01 11.40 -27.73
CA ASN A 38 -13.61 11.30 -29.13
C ASN A 38 -12.47 12.26 -29.47
N SER A 39 -12.50 13.43 -28.86
CA SER A 39 -11.47 14.43 -29.11
C SER A 39 -10.08 13.89 -28.74
N LEU A 40 -9.98 13.32 -27.54
CA LEU A 40 -8.71 12.78 -27.11
C LEU A 40 -8.27 11.64 -28.01
N HIS A 41 -9.22 10.80 -28.40
CA HIS A 41 -8.93 9.67 -29.27
C HIS A 41 -8.40 10.11 -30.64
N ASN A 42 -9.02 11.12 -31.23
CA ASN A 42 -8.59 11.61 -32.54
C ASN A 42 -7.23 12.31 -32.46
N GLN A 43 -7.03 13.14 -31.44
CA GLN A 43 -5.77 13.84 -31.27
C GLN A 43 -4.64 12.83 -31.06
N MSE A 44 -4.91 11.79 -30.28
CA MSE A 44 -3.91 10.77 -29.98
C MSE A 44 -3.45 9.96 -31.18
O MSE A 44 -2.25 9.73 -31.35
CB MSE A 44 -4.44 9.81 -28.90
CG MSE A 44 -4.48 10.40 -27.51
SE MSE A 44 -5.56 9.29 -26.39
CE MSE A 44 -4.35 7.78 -26.21
N ARG A 45 -4.40 9.51 -32.00
CA ARG A 45 -4.02 8.72 -33.16
C ARG A 45 -3.25 9.51 -34.21
N LYS A 46 -3.28 10.84 -34.10
CA LYS A 46 -2.59 11.72 -35.04
C LYS A 46 -1.19 12.09 -34.57
N MSE A 47 -0.83 11.69 -33.35
CA MSE A 47 0.49 12.02 -32.82
C MSE A 47 1.57 11.03 -33.23
O MSE A 47 1.35 9.82 -33.30
CB MSE A 47 0.44 12.11 -31.31
CG MSE A 47 -0.41 13.24 -30.82
SE MSE A 47 -0.57 13.24 -28.95
CE MSE A 47 1.05 14.19 -28.55
N PRO A 48 2.77 11.55 -33.51
CA PRO A 48 3.90 10.71 -33.91
C PRO A 48 4.39 9.84 -32.78
N VAL A 49 5.00 8.72 -33.13
CA VAL A 49 5.53 7.82 -32.16
C VAL A 49 6.33 8.62 -31.14
N SER A 50 6.14 8.33 -29.86
CA SER A 50 6.90 9.02 -28.83
C SER A 50 8.08 8.13 -28.52
N HIS A 51 9.23 8.71 -28.20
CA HIS A 51 10.37 7.87 -27.90
C HIS A 51 10.83 8.03 -26.47
N PHE A 52 11.31 6.92 -25.92
CA PHE A 52 11.78 6.91 -24.55
C PHE A 52 13.24 6.57 -24.47
N LYS A 53 14.04 7.53 -24.02
CA LYS A 53 15.47 7.28 -23.87
C LYS A 53 15.63 6.37 -22.66
N GLU A 54 15.81 5.07 -22.90
CA GLU A 54 15.96 4.13 -21.80
C GLU A 54 17.26 4.37 -21.04
N ALA A 55 17.25 3.98 -19.77
CA ALA A 55 18.41 4.17 -18.93
C ALA A 55 19.21 2.88 -18.77
N LEU A 56 20.53 3.03 -18.68
CA LEU A 56 21.44 1.92 -18.54
C LEU A 56 22.01 1.83 -17.14
N ASP A 57 22.27 2.96 -16.52
CA ASP A 57 22.82 2.94 -15.18
C ASP A 57 21.70 2.61 -14.20
N VAL A 58 21.27 1.36 -14.25
CA VAL A 58 20.17 0.88 -13.44
C VAL A 58 20.52 -0.45 -12.76
N PRO A 59 19.89 -0.75 -11.62
CA PRO A 59 20.21 -2.02 -10.95
C PRO A 59 19.49 -3.19 -11.60
N ASP A 60 20.03 -4.39 -11.44
CA ASP A 60 19.38 -5.56 -11.98
C ASP A 60 18.48 -6.03 -10.84
N TYR A 61 17.59 -6.97 -11.12
CA TYR A 61 16.68 -7.45 -10.09
C TYR A 61 17.32 -7.79 -8.73
N SER A 62 18.32 -8.66 -8.73
CA SER A 62 18.95 -9.03 -7.47
C SER A 62 19.37 -7.79 -6.68
N GLY A 63 19.87 -6.78 -7.39
CA GLY A 63 20.28 -5.56 -6.74
C GLY A 63 19.11 -4.83 -6.13
N MSE A 64 17.97 -4.90 -6.80
CA MSE A 64 16.76 -4.25 -6.33
C MSE A 64 16.25 -4.92 -5.08
O MSE A 64 15.83 -4.25 -4.13
CB MSE A 64 15.68 -4.32 -7.40
CG MSE A 64 14.45 -3.54 -7.08
SE MSE A 64 14.58 -1.88 -7.98
CE MSE A 64 12.96 -1.06 -7.34
N ARG A 65 16.27 -6.25 -5.07
CA ARG A 65 15.81 -7.03 -3.91
C ARG A 65 16.52 -6.50 -2.68
N GLN A 66 17.78 -6.12 -2.88
CA GLN A 66 18.61 -5.65 -1.78
C GLN A 66 19.00 -4.18 -1.90
N SER A 67 18.02 -3.31 -1.70
CA SER A 67 18.26 -1.87 -1.76
C SER A 67 18.13 -1.29 -0.36
N PHE A 70 17.44 0.84 1.11
CA PHE A 70 17.15 2.21 0.70
C PHE A 70 18.25 2.81 -0.17
N ALA A 71 17.93 3.06 -1.44
CA ALA A 71 18.87 3.63 -2.40
C ALA A 71 18.12 4.44 -3.46
N MSE A 72 18.85 4.95 -4.44
CA MSE A 72 18.22 5.74 -5.50
C MSE A 72 18.79 5.50 -6.89
O MSE A 72 20.02 5.48 -7.07
CB MSE A 72 18.36 7.23 -5.20
CG MSE A 72 17.16 7.83 -4.51
SE MSE A 72 16.93 9.67 -5.06
CE MSE A 72 16.29 9.31 -6.80
N SER A 73 17.91 5.31 -7.86
CA SER A 73 18.36 5.10 -9.22
C SER A 73 17.65 6.10 -10.11
N GLN A 74 18.44 6.89 -10.81
CA GLN A 74 17.94 7.91 -11.73
C GLN A 74 16.63 8.59 -11.40
N GLY A 75 16.60 9.25 -10.25
CA GLY A 75 15.39 9.95 -9.84
C GLY A 75 14.40 9.17 -9.03
N PHE A 76 14.35 7.85 -9.21
CA PHE A 76 13.39 7.04 -8.46
C PHE A 76 13.93 6.60 -7.11
N GLN A 77 13.15 6.82 -6.06
CA GLN A 77 13.51 6.41 -4.70
C GLN A 77 13.11 4.94 -4.58
N LEU A 78 14.03 4.10 -4.13
CA LEU A 78 13.74 2.68 -3.99
C LEU A 78 13.53 2.30 -2.52
N ASN A 79 12.44 1.60 -2.25
CA ASN A 79 12.12 1.17 -0.91
C ASN A 79 11.63 -0.27 -0.81
N ASN A 80 12.17 -0.98 0.17
CA ASN A 80 11.82 -2.37 0.45
C ASN A 80 11.64 -2.43 1.97
N HIS A 81 10.39 -2.52 2.45
CA HIS A 81 10.18 -2.51 3.90
C HIS A 81 9.73 -3.73 4.72
N GLY A 82 9.42 -4.86 4.09
CA GLY A 82 9.05 -6.01 4.92
C GLY A 82 7.59 -6.23 5.25
N TYR A 83 6.84 -5.15 5.45
CA TYR A 83 5.42 -5.30 5.73
C TYR A 83 4.77 -5.45 4.37
N ASP A 84 5.62 -5.45 3.35
CA ASP A 84 5.22 -5.57 1.96
C ASP A 84 5.86 -6.77 1.29
N VAL A 85 5.47 -7.00 0.04
CA VAL A 85 6.01 -8.08 -0.77
C VAL A 85 6.65 -7.41 -1.99
N PHE A 86 6.63 -6.07 -2.00
CA PHE A 86 7.17 -5.31 -3.11
C PHE A 86 8.39 -4.46 -2.84
N ILE A 87 9.03 -4.05 -3.92
CA ILE A 87 10.16 -3.15 -3.87
C ILE A 87 9.51 -1.98 -4.59
N HIS A 88 9.44 -0.84 -3.93
CA HIS A 88 8.79 0.34 -4.50
C HIS A 88 9.75 1.26 -5.22
N ALA A 89 9.23 1.95 -6.23
CA ALA A 89 10.01 2.91 -7.01
C ALA A 89 9.17 4.14 -7.21
N ARG A 90 9.64 5.27 -6.70
CA ARG A 90 8.90 6.51 -6.83
C ARG A 90 9.82 7.70 -7.14
N ARG A 91 9.46 8.45 -8.16
CA ARG A 91 10.21 9.63 -8.60
C ARG A 91 9.39 10.88 -8.27
N GLU A 92 10.02 11.85 -7.59
CA GLU A 92 9.31 13.07 -7.25
C GLU A 92 9.30 14.03 -8.44
N SER A 93 8.60 13.66 -9.51
CA SER A 93 8.54 14.48 -10.71
C SER A 93 7.66 15.70 -10.45
N PRO A 94 8.27 16.89 -10.42
CA PRO A 94 7.55 18.14 -10.18
C PRO A 94 6.90 18.67 -11.46
N GLN A 95 6.04 17.87 -12.07
CA GLN A 95 5.33 18.24 -13.28
C GLN A 95 3.95 17.60 -13.26
N SER A 96 3.91 16.33 -12.88
CA SER A 96 2.66 15.61 -12.76
C SER A 96 1.96 16.35 -11.63
N GLN A 97 1.16 17.37 -11.98
CA GLN A 97 0.48 18.17 -10.97
C GLN A 97 -0.94 17.71 -10.67
N GLY A 98 -1.44 16.80 -11.48
CA GLY A 98 -2.79 16.30 -11.27
C GLY A 98 -2.89 15.42 -10.04
N LYS A 99 -4.13 15.08 -9.67
CA LYS A 99 -4.34 14.24 -8.51
C LYS A 99 -4.78 12.87 -8.98
N PHE A 100 -4.37 11.85 -8.25
CA PHE A 100 -4.66 10.46 -8.58
C PHE A 100 -6.14 10.18 -8.82
N ALA A 101 -6.44 9.48 -9.92
CA ALA A 101 -7.81 9.14 -10.28
C ALA A 101 -8.03 7.62 -10.27
N GLY A 102 -7.12 6.90 -9.62
CA GLY A 102 -7.23 5.46 -9.50
C GLY A 102 -6.75 4.59 -10.65
N ASP A 103 -6.23 5.20 -11.70
CA ASP A 103 -5.77 4.44 -12.86
C ASP A 103 -4.41 3.78 -12.66
N LYS A 104 -4.36 2.48 -12.90
CA LYS A 104 -3.11 1.74 -12.75
C LYS A 104 -3.06 0.51 -13.66
N PHE A 105 -1.85 0.01 -13.90
CA PHE A 105 -1.69 -1.17 -14.73
C PHE A 105 -0.92 -2.21 -13.96
N HIS A 106 -1.05 -3.45 -14.42
CA HIS A 106 -0.33 -4.56 -13.83
C HIS A 106 0.41 -5.23 -14.97
N ILE A 107 1.46 -5.97 -14.61
CA ILE A 107 2.22 -6.70 -15.61
C ILE A 107 2.29 -8.09 -14.99
N SER A 108 1.84 -9.07 -15.75
CA SER A 108 1.82 -10.44 -15.30
C SER A 108 2.72 -11.32 -16.14
N VAL A 109 3.62 -12.02 -15.44
CA VAL A 109 4.58 -12.91 -16.05
C VAL A 109 4.73 -14.15 -15.16
N LEU A 110 5.21 -15.23 -15.74
CA LEU A 110 5.44 -16.44 -14.98
C LEU A 110 6.33 -16.05 -13.79
N ARG A 111 5.89 -16.38 -12.59
CA ARG A 111 6.61 -16.07 -11.35
C ARG A 111 8.13 -16.27 -11.45
N ASP A 112 8.53 -17.31 -12.16
CA ASP A 112 9.95 -17.65 -12.33
C ASP A 112 10.76 -16.71 -13.20
N MSE A 113 10.07 -15.98 -14.08
CA MSE A 113 10.76 -15.07 -14.96
C MSE A 113 10.71 -13.60 -14.54
O MSE A 113 10.94 -12.71 -15.37
CB MSE A 113 10.26 -15.25 -16.39
CG MSE A 113 10.79 -16.53 -17.04
SE MSE A 113 10.20 -16.78 -18.83
CE MSE A 113 11.72 -15.98 -19.74
N VAL A 114 10.44 -13.34 -13.26
CA VAL A 114 10.39 -11.97 -12.76
C VAL A 114 11.75 -11.28 -13.01
N PRO A 115 12.85 -11.92 -12.58
CA PRO A 115 14.17 -11.30 -12.80
C PRO A 115 14.48 -11.00 -14.28
N GLN A 116 14.06 -11.88 -15.19
CA GLN A 116 14.29 -11.68 -16.62
C GLN A 116 13.41 -10.53 -17.13
N ALA A 117 12.17 -10.48 -16.66
CA ALA A 117 11.24 -9.44 -17.06
C ALA A 117 11.72 -8.09 -16.54
N PHE A 118 12.14 -8.03 -15.29
CA PHE A 118 12.60 -6.78 -14.70
C PHE A 118 13.79 -6.19 -15.45
N GLN A 119 14.79 -7.03 -15.70
CA GLN A 119 15.96 -6.59 -16.43
C GLN A 119 15.54 -6.05 -17.80
N ALA A 120 14.67 -6.79 -18.50
CA ALA A 120 14.22 -6.37 -19.81
C ALA A 120 13.53 -5.01 -19.77
N LEU A 121 12.76 -4.75 -18.71
CA LEU A 121 12.03 -3.49 -18.58
C LEU A 121 12.73 -2.35 -17.87
N SER A 122 13.82 -2.63 -17.16
CA SER A 122 14.55 -1.62 -16.40
C SER A 122 14.88 -0.34 -17.14
N GLY A 123 15.31 -0.47 -18.38
CA GLY A 123 15.64 0.71 -19.15
C GLY A 123 14.46 1.65 -19.26
N LEU A 124 13.30 1.07 -19.54
CA LEU A 124 12.08 1.88 -19.65
C LEU A 124 11.57 2.31 -18.27
N LEU A 125 11.38 1.35 -17.37
CA LEU A 125 10.88 1.68 -16.03
C LEU A 125 11.62 2.83 -15.35
N PHE A 126 12.93 2.93 -15.61
CA PHE A 126 13.75 3.99 -15.01
C PHE A 126 14.01 5.15 -15.98
N SER A 127 13.45 5.08 -17.18
CA SER A 127 13.64 6.12 -18.19
C SER A 127 13.20 7.51 -17.74
N GLU A 128 13.97 8.52 -18.11
CA GLU A 128 13.66 9.90 -17.76
C GLU A 128 12.39 10.34 -18.48
N ASP A 129 12.06 9.64 -19.57
CA ASP A 129 10.87 9.97 -20.36
C ASP A 129 9.66 9.14 -19.99
N SER A 130 9.83 8.19 -19.07
CA SER A 130 8.70 7.36 -18.65
C SER A 130 7.62 8.23 -18.05
N PRO A 131 6.36 7.96 -18.39
CA PRO A 131 5.27 8.77 -17.85
C PRO A 131 4.87 8.25 -16.47
N VAL A 132 5.39 7.08 -16.09
CA VAL A 132 5.06 6.47 -14.81
C VAL A 132 6.07 6.88 -13.73
N ASP A 133 5.60 7.68 -12.77
CA ASP A 133 6.46 8.15 -11.68
C ASP A 133 6.51 7.22 -10.49
N LYS A 134 5.50 6.37 -10.34
CA LYS A 134 5.47 5.44 -9.22
C LYS A 134 5.05 4.05 -9.70
N TRP A 135 5.87 3.07 -9.35
CA TRP A 135 5.59 1.69 -9.71
C TRP A 135 6.27 0.76 -8.72
N LYS A 136 5.96 -0.53 -8.78
CA LYS A 136 6.58 -1.47 -7.86
C LYS A 136 6.75 -2.86 -8.48
N VAL A 137 7.69 -3.61 -7.94
CA VAL A 137 7.95 -4.97 -8.41
C VAL A 137 7.89 -5.91 -7.24
N THR A 138 7.37 -7.10 -7.49
CA THR A 138 7.28 -8.12 -6.47
C THR A 138 8.68 -8.57 -6.09
N ASP A 139 8.93 -8.73 -4.79
CA ASP A 139 10.22 -9.21 -4.29
C ASP A 139 9.98 -10.69 -4.02
N MSE A 140 10.56 -11.54 -4.86
CA MSE A 140 10.38 -12.99 -4.76
C MSE A 140 10.69 -13.65 -3.42
O MSE A 140 10.06 -14.65 -3.07
CB MSE A 140 11.18 -13.69 -5.87
CG MSE A 140 10.65 -13.39 -7.28
SE MSE A 140 8.69 -13.39 -7.38
CE MSE A 140 8.39 -15.24 -6.87
N GLU A 141 11.63 -13.11 -2.67
CA GLU A 141 11.99 -13.67 -1.38
C GLU A 141 10.85 -13.40 -0.38
N LYS A 142 10.33 -12.18 -0.38
CA LYS A 142 9.24 -11.83 0.51
C LYS A 142 7.96 -12.54 0.11
N VAL A 143 7.85 -12.90 -1.17
CA VAL A 143 6.69 -13.60 -1.70
C VAL A 143 6.63 -15.00 -1.11
N VAL A 144 7.80 -15.57 -0.85
CA VAL A 144 7.90 -16.90 -0.28
C VAL A 144 7.64 -16.79 1.22
N GLN A 145 8.37 -15.89 1.87
CA GLN A 145 8.24 -15.69 3.31
C GLN A 145 6.79 -15.45 3.74
N GLN A 146 6.07 -14.64 2.97
CA GLN A 146 4.69 -14.33 3.28
C GLN A 146 3.70 -15.24 2.57
N ALA A 147 4.20 -16.37 2.06
CA ALA A 147 3.36 -17.34 1.36
C ALA A 147 2.36 -16.65 0.44
N ARG A 148 2.87 -15.80 -0.45
CA ARG A 148 1.99 -15.08 -1.36
C ARG A 148 1.92 -15.74 -2.72
N VAL A 149 0.70 -15.88 -3.23
CA VAL A 149 0.47 -16.49 -4.53
C VAL A 149 0.92 -15.52 -5.62
N SER A 150 1.94 -15.91 -6.38
CA SER A 150 2.45 -15.06 -7.45
C SER A 150 2.18 -15.66 -8.82
N LEU A 151 0.97 -15.48 -9.32
CA LEU A 151 0.58 -15.99 -10.62
C LEU A 151 0.46 -14.82 -11.60
N GLY A 152 0.43 -13.61 -11.06
CA GLY A 152 0.32 -12.42 -11.90
C GLY A 152 0.66 -11.16 -11.13
N ALA A 153 0.52 -10.03 -11.80
CA ALA A 153 0.78 -8.72 -11.20
C ALA A 153 2.06 -8.60 -10.39
N GLN A 154 3.19 -9.01 -10.95
CA GLN A 154 4.46 -8.90 -10.23
C GLN A 154 4.95 -7.44 -10.33
N PHE A 155 4.32 -6.69 -11.23
CA PHE A 155 4.65 -5.29 -11.45
C PHE A 155 3.34 -4.52 -11.39
N THR A 156 3.36 -3.32 -10.81
CA THR A 156 2.17 -2.46 -10.76
C THR A 156 2.63 -1.06 -11.20
N LEU A 157 1.93 -0.46 -12.15
CA LEU A 157 2.28 0.86 -12.65
C LEU A 157 1.21 1.89 -12.29
N TYR A 158 1.58 2.90 -11.51
CA TYR A 158 0.60 3.92 -11.15
C TYR A 158 0.56 5.09 -12.11
N ILE A 159 -0.63 5.59 -12.39
CA ILE A 159 -0.79 6.71 -13.29
C ILE A 159 -1.76 7.77 -12.80
N LYS A 160 -1.43 9.04 -13.02
CA LYS A 160 -2.31 10.13 -12.65
C LYS A 160 -2.18 11.27 -13.67
N PRO A 161 -3.26 12.04 -13.88
CA PRO A 161 -3.20 13.15 -14.84
C PRO A 161 -2.07 14.14 -14.62
N ASP A 162 -1.58 14.68 -15.73
CA ASP A 162 -0.48 15.65 -15.76
C ASP A 162 -0.87 17.09 -15.42
N GLN A 163 -2.06 17.51 -15.84
CA GLN A 163 -2.54 18.87 -15.61
C GLN A 163 -2.89 19.14 -14.15
N GLU A 164 -2.46 20.28 -13.65
CA GLU A 164 -2.74 20.68 -12.27
C GLU A 164 -4.22 20.53 -11.95
N ASN A 165 -5.06 20.72 -12.95
CA ASN A 165 -6.50 20.62 -12.76
C ASN A 165 -7.00 19.17 -12.81
N SER A 166 -6.08 18.23 -12.90
CA SER A 166 -6.38 16.80 -12.93
C SER A 166 -7.04 16.27 -14.18
N GLN A 167 -6.78 16.92 -15.31
CA GLN A 167 -7.33 16.44 -16.56
C GLN A 167 -6.17 15.89 -17.35
N TYR A 168 -6.37 14.73 -17.96
CA TYR A 168 -5.34 14.11 -18.76
C TYR A 168 -5.26 14.87 -20.08
N SER A 169 -4.04 15.27 -20.45
CA SER A 169 -3.84 15.96 -21.71
C SER A 169 -3.73 14.85 -22.77
N ALA A 170 -4.09 15.15 -24.02
CA ALA A 170 -4.01 14.14 -25.07
C ALA A 170 -2.56 13.70 -25.29
N SER A 171 -1.63 14.64 -25.16
CA SER A 171 -0.23 14.30 -25.33
C SER A 171 0.25 13.33 -24.23
N PHE A 172 -0.25 13.50 -23.02
CA PHE A 172 0.16 12.62 -21.92
C PHE A 172 -0.43 11.23 -22.08
N LEU A 173 -1.71 11.16 -22.44
CA LEU A 173 -2.39 9.89 -22.62
C LEU A 173 -1.71 9.10 -23.72
N HIS A 174 -1.33 9.79 -24.78
CA HIS A 174 -0.68 9.14 -25.90
C HIS A 174 0.66 8.54 -25.48
N LYS A 175 1.45 9.30 -24.75
CA LYS A 175 2.74 8.85 -24.26
C LYS A 175 2.58 7.63 -23.34
N THR A 176 1.56 7.68 -22.49
CA THR A 176 1.30 6.56 -21.58
C THR A 176 0.94 5.31 -22.36
N ARG A 177 0.12 5.48 -23.40
CA ARG A 177 -0.28 4.33 -24.20
C ARG A 177 0.93 3.75 -24.94
N GLN A 178 1.76 4.64 -25.47
CA GLN A 178 2.99 4.25 -26.19
C GLN A 178 3.93 3.52 -25.25
N PHE A 179 3.99 4.01 -24.01
CA PHE A 179 4.85 3.43 -22.99
C PHE A 179 4.42 2.01 -22.68
N ILE A 180 3.14 1.86 -22.36
CA ILE A 180 2.58 0.55 -22.04
C ILE A 180 2.83 -0.46 -23.15
N GLU A 181 2.64 -0.03 -24.40
CA GLU A 181 2.85 -0.90 -25.53
C GLU A 181 4.33 -1.21 -25.73
N CYS A 182 5.19 -0.30 -25.31
CA CYS A 182 6.64 -0.51 -25.41
C CYS A 182 7.00 -1.63 -24.41
N LEU A 183 6.30 -1.62 -23.27
CA LEU A 183 6.52 -2.64 -22.25
C LEU A 183 6.10 -3.99 -22.84
N GLU A 184 4.90 -4.03 -23.39
CA GLU A 184 4.37 -5.24 -23.99
C GLU A 184 5.34 -5.94 -24.94
N SER A 185 5.83 -5.23 -25.95
CA SER A 185 6.71 -5.86 -26.93
C SER A 185 8.13 -6.10 -26.46
N ARG A 186 8.59 -5.35 -25.46
CA ARG A 186 9.93 -5.59 -24.96
C ARG A 186 9.87 -6.96 -24.27
N LEU A 187 8.73 -7.26 -23.66
CA LEU A 187 8.57 -8.52 -22.97
C LEU A 187 8.48 -9.67 -23.94
N SER A 188 7.66 -9.53 -24.98
CA SER A 188 7.54 -10.64 -25.92
C SER A 188 8.80 -10.82 -26.78
N GLU A 189 9.51 -9.74 -27.08
CA GLU A 189 10.74 -9.85 -27.87
C GLU A 189 11.76 -10.67 -27.06
N ASN A 190 11.58 -10.70 -25.75
CA ASN A 190 12.47 -11.42 -24.85
C ASN A 190 11.91 -12.78 -24.49
N GLY A 191 10.92 -13.24 -25.26
CA GLY A 191 10.31 -14.54 -25.02
C GLY A 191 9.83 -14.80 -23.61
N VAL A 192 9.54 -13.72 -22.88
CA VAL A 192 9.06 -13.84 -21.50
C VAL A 192 7.71 -14.56 -21.48
N ILE A 193 7.59 -15.57 -20.63
CA ILE A 193 6.34 -16.31 -20.53
C ILE A 193 5.28 -15.51 -19.77
N SER A 194 4.09 -15.46 -20.35
CA SER A 194 2.97 -14.72 -19.77
C SER A 194 2.51 -15.31 -18.46
N GLY A 195 2.02 -14.44 -17.59
CA GLY A 195 1.53 -14.89 -16.29
C GLY A 195 0.01 -14.91 -16.34
N GLN A 196 -0.61 -14.89 -15.17
CA GLN A 196 -2.07 -14.92 -15.12
C GLN A 196 -2.62 -13.59 -14.63
N CYS A 197 -3.37 -12.95 -15.53
CA CYS A 197 -4.00 -11.66 -15.24
C CYS A 197 -4.88 -11.74 -13.98
N PRO A 198 -4.81 -10.73 -13.10
CA PRO A 198 -5.66 -10.81 -11.90
C PRO A 198 -7.12 -10.75 -12.32
N GLU A 199 -7.94 -11.60 -11.73
CA GLU A 199 -9.37 -11.68 -12.06
C GLU A 199 -10.09 -10.35 -11.95
N SER A 200 -9.53 -9.41 -11.18
CA SER A 200 -10.13 -8.09 -11.00
C SER A 200 -9.66 -7.08 -12.06
N ASP A 201 -8.96 -7.56 -13.07
CA ASP A 201 -8.45 -6.68 -14.14
C ASP A 201 -9.06 -7.03 -15.50
N VAL A 202 -8.82 -6.16 -16.47
CA VAL A 202 -9.29 -6.36 -17.83
C VAL A 202 -8.14 -6.07 -18.78
N HIS A 203 -8.19 -6.65 -19.97
CA HIS A 203 -7.15 -6.41 -20.95
C HIS A 203 -7.61 -6.84 -22.32
N PRO A 204 -7.14 -6.13 -23.36
CA PRO A 204 -7.51 -6.43 -24.75
C PRO A 204 -6.89 -7.76 -25.15
N GLU A 205 -7.23 -8.22 -26.34
CA GLU A 205 -6.71 -9.46 -26.88
C GLU A 205 -5.20 -9.35 -27.08
N ASN A 206 -4.76 -8.16 -27.48
CA ASN A 206 -3.36 -7.84 -27.75
C ASN A 206 -2.44 -7.54 -26.56
N TRP A 207 -2.97 -7.61 -25.34
CA TRP A 207 -2.15 -7.38 -24.16
C TRP A 207 -1.89 -8.75 -23.54
N LYS A 208 -0.66 -9.22 -23.60
CA LYS A 208 -0.31 -10.53 -23.05
C LYS A 208 0.18 -10.47 -21.63
N TYR A 209 0.65 -9.31 -21.19
CA TYR A 209 1.15 -9.18 -19.83
C TYR A 209 0.50 -8.03 -19.08
N LEU A 210 0.18 -6.98 -19.82
CA LEU A 210 -0.43 -5.80 -19.25
C LEU A 210 -1.94 -5.92 -19.05
N SER A 211 -2.41 -5.40 -17.93
CA SER A 211 -3.84 -5.41 -17.60
C SER A 211 -4.16 -4.10 -16.87
N TYR A 212 -5.44 -3.73 -16.87
CA TYR A 212 -5.88 -2.48 -16.27
C TYR A 212 -6.88 -2.63 -15.13
N ARG A 213 -6.77 -1.72 -14.18
CA ARG A 213 -7.68 -1.68 -13.04
C ARG A 213 -7.72 -0.27 -12.51
N ASN A 214 -8.90 0.14 -12.04
CA ASN A 214 -9.09 1.46 -11.46
C ASN A 214 -9.59 1.18 -10.05
N GLU A 215 -8.72 1.39 -9.06
CA GLU A 215 -9.07 1.12 -7.68
C GLU A 215 -10.16 1.97 -7.04
N LEU A 216 -10.48 3.12 -7.62
CA LEU A 216 -11.53 3.99 -7.08
C LEU A 216 -12.91 3.58 -7.61
N ARG A 217 -12.96 2.42 -8.27
CA ARG A 217 -14.19 1.90 -8.85
C ARG A 217 -14.13 0.38 -8.88
N GLY A 223 -17.74 -8.61 -9.20
CA GLY A 223 -17.48 -9.80 -10.00
C GLY A 223 -17.25 -9.43 -11.46
N GLU A 224 -17.51 -10.38 -12.35
CA GLU A 224 -17.31 -10.14 -13.79
C GLU A 224 -18.20 -8.99 -14.23
N MSE A 225 -18.96 -8.46 -13.27
CA MSE A 225 -19.85 -7.31 -13.49
C MSE A 225 -18.93 -6.09 -13.33
O MSE A 225 -19.06 -5.10 -14.06
CB MSE A 225 -20.95 -7.29 -12.42
CG MSE A 225 -21.49 -5.90 -12.04
SE MSE A 225 -21.02 -5.35 -10.21
CE MSE A 225 -22.77 -5.21 -9.42
N GLN A 226 -18.01 -6.19 -12.39
CA GLN A 226 -17.04 -5.14 -12.08
C GLN A 226 -15.96 -5.09 -13.16
N ARG A 227 -15.85 -6.16 -13.95
CA ARG A 227 -14.87 -6.21 -15.02
C ARG A 227 -15.38 -5.49 -16.26
N GLN A 228 -16.66 -5.68 -16.57
CA GLN A 228 -17.24 -5.01 -17.73
C GLN A 228 -17.37 -3.53 -17.40
N ALA A 229 -17.36 -3.21 -16.11
CA ALA A 229 -17.44 -1.82 -15.70
C ALA A 229 -16.16 -1.16 -16.19
N LEU A 230 -15.04 -1.81 -15.91
CA LEU A 230 -13.73 -1.34 -16.31
C LEU A 230 -13.60 -1.28 -17.83
N ARG A 231 -14.08 -2.31 -18.52
CA ARG A 231 -14.01 -2.37 -19.97
C ARG A 231 -14.61 -1.17 -20.69
N GLU A 232 -15.58 -0.52 -20.06
CA GLU A 232 -16.25 0.65 -20.65
C GLU A 232 -15.70 1.93 -20.08
N GLU A 233 -14.68 1.80 -19.23
CA GLU A 233 -14.02 2.94 -18.60
C GLU A 233 -13.39 3.74 -19.74
N PRO A 234 -13.64 5.07 -19.78
CA PRO A 234 -13.06 5.90 -20.85
C PRO A 234 -11.53 5.89 -20.93
N PHE A 235 -10.87 5.83 -19.77
CA PHE A 235 -9.41 5.80 -19.74
C PHE A 235 -8.91 4.52 -20.39
N TYR A 236 -9.51 3.40 -20.00
CA TYR A 236 -9.13 2.10 -20.51
C TYR A 236 -9.34 1.98 -22.01
N ARG A 237 -10.45 2.52 -22.49
CA ARG A 237 -10.76 2.45 -23.91
C ARG A 237 -9.81 3.32 -24.73
N LEU A 238 -9.34 4.41 -24.13
CA LEU A 238 -8.41 5.29 -24.83
C LEU A 238 -7.02 4.65 -24.94
N MSE A 239 -6.75 3.63 -24.12
CA MSE A 239 -5.47 2.94 -24.13
C MSE A 239 -5.58 1.69 -24.97
O MSE A 239 -4.61 0.96 -25.15
CB MSE A 239 -5.09 2.49 -22.71
CG MSE A 239 -4.90 3.58 -21.67
SE MSE A 239 -3.21 4.45 -21.82
CE MSE A 239 -3.83 6.25 -22.00
N THR A 240 -6.77 1.45 -25.52
CA THR A 240 -7.03 0.22 -26.24
C THR A 240 -7.58 0.25 -27.66
N GLU A 241 -8.42 1.22 -27.98
CA GLU A 241 -9.04 1.29 -29.31
C GLU A 241 -8.51 2.42 -30.18
N PRO B 27 6.46 -24.80 10.78
CA PRO B 27 7.51 -23.78 10.92
C PRO B 27 6.98 -22.40 10.55
N SER B 28 6.52 -21.65 11.54
CA SER B 28 5.99 -20.30 11.29
C SER B 28 5.57 -19.54 12.56
N THR B 29 5.35 -18.25 12.38
CA THR B 29 4.95 -17.38 13.49
C THR B 29 3.64 -17.86 14.10
N ASN B 30 2.68 -18.24 13.25
CA ASN B 30 1.38 -18.71 13.71
C ASN B 30 1.48 -20.08 14.39
N LYS B 31 2.32 -20.95 13.85
CA LYS B 31 2.49 -22.28 14.41
C LYS B 31 3.08 -22.15 15.80
N HIS B 32 4.00 -21.19 15.97
CA HIS B 32 4.60 -20.98 17.27
C HIS B 32 3.56 -20.45 18.27
N LEU B 33 2.71 -19.54 17.79
CA LEU B 33 1.65 -18.99 18.65
C LEU B 33 0.72 -20.08 19.14
N LYS B 34 0.23 -20.89 18.21
CA LYS B 34 -0.68 -21.96 18.55
C LYS B 34 -0.12 -23.00 19.51
N ASN B 35 1.18 -23.27 19.43
CA ASN B 35 1.79 -24.27 20.30
C ASN B 35 2.30 -23.77 21.64
N ASN B 36 2.26 -22.47 21.84
CA ASN B 36 2.72 -21.85 23.09
C ASN B 36 1.57 -20.96 23.52
N PHE B 37 0.42 -21.23 22.95
CA PHE B 37 -0.81 -20.49 23.23
C PHE B 37 -0.97 -20.16 24.71
N ASN B 38 -1.16 -21.20 25.53
CA ASN B 38 -1.36 -21.04 26.97
C ASN B 38 -0.15 -20.44 27.69
N SER B 39 1.04 -20.80 27.21
CA SER B 39 2.28 -20.31 27.79
C SER B 39 2.39 -18.78 27.67
N LEU B 40 2.13 -18.25 26.48
CA LEU B 40 2.22 -16.82 26.25
C LEU B 40 1.17 -16.09 27.07
N HIS B 41 -0.04 -16.63 27.07
CA HIS B 41 -1.13 -16.03 27.85
C HIS B 41 -0.79 -15.92 29.34
N ASN B 42 -0.27 -17.03 29.88
CA ASN B 42 0.09 -17.12 31.28
C ASN B 42 1.26 -16.20 31.64
N GLN B 43 2.22 -16.06 30.72
CA GLN B 43 3.36 -15.20 30.94
C GLN B 43 2.92 -13.74 30.91
N MSE B 44 2.05 -13.42 29.94
CA MSE B 44 1.55 -12.06 29.76
C MSE B 44 0.77 -11.53 30.95
O MSE B 44 1.04 -10.44 31.43
CB MSE B 44 0.67 -11.98 28.53
CG MSE B 44 1.43 -12.09 27.23
SE MSE B 44 0.22 -12.45 25.79
CE MSE B 44 -0.72 -10.75 25.76
N ARG B 45 -0.20 -12.32 31.43
CA ARG B 45 -1.03 -11.89 32.54
C ARG B 45 -0.28 -11.70 33.84
N LYS B 46 0.99 -12.11 33.87
CA LYS B 46 1.81 -11.97 35.05
C LYS B 46 2.71 -10.75 34.96
N MSE B 47 2.74 -10.11 33.81
CA MSE B 47 3.61 -8.95 33.64
C MSE B 47 3.03 -7.64 34.12
O MSE B 47 1.85 -7.35 33.92
CB MSE B 47 4.02 -8.84 32.17
CG MSE B 47 4.51 -10.15 31.58
SE MSE B 47 5.08 -9.93 29.80
CE MSE B 47 6.71 -10.96 29.83
N PRO B 48 3.85 -6.81 34.77
CA PRO B 48 3.39 -5.52 35.28
C PRO B 48 3.00 -4.63 34.11
N VAL B 49 2.24 -3.58 34.37
CA VAL B 49 1.84 -2.69 33.29
C VAL B 49 3.07 -2.12 32.61
N SER B 50 3.08 -2.15 31.28
CA SER B 50 4.20 -1.60 30.54
C SER B 50 3.91 -0.10 30.49
N HIS B 51 4.96 0.70 30.44
CA HIS B 51 4.77 2.13 30.40
C HIS B 51 5.34 2.71 29.12
N PHE B 52 4.65 3.69 28.57
CA PHE B 52 5.10 4.32 27.34
C PHE B 52 5.38 5.80 27.55
N LYS B 53 6.60 6.22 27.25
CA LYS B 53 6.94 7.62 27.39
C LYS B 53 6.42 8.30 26.12
N GLU B 54 5.24 8.92 26.24
CA GLU B 54 4.63 9.61 25.11
C GLU B 54 5.49 10.79 24.67
N ALA B 55 5.55 11.02 23.37
CA ALA B 55 6.38 12.12 22.88
C ALA B 55 5.57 13.39 22.68
N LEU B 56 6.22 14.53 22.91
CA LEU B 56 5.58 15.84 22.76
C LEU B 56 5.98 16.58 21.49
N ASP B 57 7.24 16.44 21.09
CA ASP B 57 7.70 17.12 19.89
C ASP B 57 7.28 16.40 18.61
N VAL B 58 5.99 16.43 18.35
CA VAL B 58 5.43 15.79 17.16
C VAL B 58 4.55 16.81 16.46
N PRO B 59 4.19 16.55 15.19
CA PRO B 59 3.33 17.50 14.49
C PRO B 59 1.87 17.19 14.81
N ASP B 60 0.99 18.15 14.55
CA ASP B 60 -0.43 17.91 14.79
C ASP B 60 -0.95 17.45 13.44
N TYR B 61 -2.23 17.12 13.36
CA TYR B 61 -2.78 16.65 12.10
C TYR B 61 -2.47 17.56 10.91
N SER B 62 -2.69 18.86 11.08
CA SER B 62 -2.40 19.81 10.00
C SER B 62 -0.94 19.72 9.58
N GLY B 63 -0.06 19.59 10.56
CA GLY B 63 1.36 19.47 10.26
C GLY B 63 1.65 18.19 9.51
N MSE B 64 0.94 17.12 9.88
CA MSE B 64 1.11 15.82 9.25
C MSE B 64 0.91 15.83 7.75
O MSE B 64 1.72 15.25 7.01
CB MSE B 64 0.17 14.81 9.89
CG MSE B 64 0.80 14.01 11.01
SE MSE B 64 1.85 12.56 10.33
CE MSE B 64 3.41 12.78 11.38
N ARG B 65 -0.16 16.47 7.28
CA ARG B 65 -0.44 16.56 5.85
C ARG B 65 0.69 17.24 5.09
N GLN B 66 1.41 18.11 5.80
CA GLN B 66 2.53 18.83 5.19
C GLN B 66 3.88 18.15 5.32
N SER B 67 4.00 16.98 4.69
CA SER B 67 5.22 16.20 4.70
C SER B 67 5.52 15.68 3.30
N PHE B 70 8.43 14.54 2.52
CA PHE B 70 9.32 13.91 3.49
C PHE B 70 9.50 14.75 4.75
N ALA B 71 9.25 14.12 5.91
CA ALA B 71 9.40 14.79 7.19
C ALA B 71 9.90 13.76 8.20
N MSE B 72 10.45 14.25 9.31
CA MSE B 72 10.97 13.37 10.34
C MSE B 72 10.73 13.91 11.73
O MSE B 72 10.89 15.10 11.99
CB MSE B 72 12.47 13.13 10.14
CG MSE B 72 12.78 11.95 9.22
SE MSE B 72 13.78 10.54 10.11
CE MSE B 72 12.77 10.47 11.73
N SER B 73 10.33 13.01 12.64
CA SER B 73 10.10 13.38 14.02
C SER B 73 10.10 12.13 14.88
N GLN B 74 10.74 12.24 16.04
CA GLN B 74 10.83 11.14 16.98
C GLN B 74 11.19 9.81 16.31
N GLY B 75 12.01 9.88 15.26
CA GLY B 75 12.46 8.68 14.57
C GLY B 75 11.61 8.12 13.46
N PHE B 76 10.37 8.58 13.34
CA PHE B 76 9.49 8.07 12.29
C PHE B 76 9.57 8.89 11.01
N GLN B 77 9.84 8.21 9.90
CA GLN B 77 9.90 8.84 8.58
C GLN B 77 8.47 9.02 8.10
N LEU B 78 8.14 10.24 7.68
CA LEU B 78 6.80 10.52 7.22
C LEU B 78 6.81 10.78 5.72
N ASN B 79 5.89 10.15 5.00
CA ASN B 79 5.80 10.39 3.59
C ASN B 79 4.35 10.47 3.19
N ASN B 80 4.07 11.36 2.25
CA ASN B 80 2.74 11.56 1.74
C ASN B 80 2.87 11.78 0.24
N HIS B 81 2.46 10.77 -0.54
CA HIS B 81 2.51 10.86 -1.99
C HIS B 81 1.08 11.00 -2.51
N GLY B 82 0.93 11.27 -3.79
CA GLY B 82 -0.41 11.45 -4.34
C GLY B 82 -1.19 10.20 -4.68
N TYR B 83 -0.49 9.09 -4.84
CA TYR B 83 -1.17 7.87 -5.22
C TYR B 83 -1.88 7.17 -4.07
N ASP B 84 -1.83 7.82 -2.91
CA ASP B 84 -2.45 7.31 -1.69
C ASP B 84 -3.48 8.25 -1.10
N VAL B 85 -4.06 7.80 0.01
CA VAL B 85 -5.06 8.56 0.75
C VAL B 85 -4.57 8.62 2.21
N PHE B 86 -3.33 8.16 2.42
CA PHE B 86 -2.74 8.13 3.75
C PHE B 86 -1.45 8.94 3.88
N ILE B 87 -1.07 9.16 5.13
CA ILE B 87 0.19 9.82 5.46
C ILE B 87 0.85 8.68 6.21
N HIS B 88 2.02 8.24 5.74
CA HIS B 88 2.72 7.11 6.35
C HIS B 88 3.75 7.48 7.38
N ALA B 89 3.92 6.57 8.35
CA ALA B 89 4.89 6.75 9.41
C ALA B 89 5.65 5.45 9.64
N ARG B 90 6.97 5.52 9.50
CA ARG B 90 7.80 4.34 9.68
C ARG B 90 9.20 4.69 10.17
N ARG B 91 9.65 3.99 11.19
CA ARG B 91 11.00 4.22 11.70
C ARG B 91 11.78 2.94 11.46
N GLU B 92 13.05 3.07 11.13
CA GLU B 92 13.90 1.89 10.93
C GLU B 92 14.36 1.42 12.30
N SER B 93 13.83 0.29 12.76
CA SER B 93 14.19 -0.24 14.06
C SER B 93 14.86 -1.60 14.00
N PRO B 94 16.14 -1.67 14.37
CA PRO B 94 16.89 -2.94 14.36
C PRO B 94 16.34 -3.91 15.40
N GLN B 95 15.35 -3.45 16.17
CA GLN B 95 14.70 -4.24 17.22
C GLN B 95 13.84 -5.36 16.63
N SER B 96 12.68 -5.01 16.07
CA SER B 96 11.82 -6.03 15.46
C SER B 96 12.64 -6.60 14.31
N GLN B 97 13.18 -7.79 14.53
CA GLN B 97 14.00 -8.45 13.52
C GLN B 97 13.23 -9.56 12.80
N GLY B 98 12.05 -9.88 13.32
CA GLY B 98 11.25 -10.93 12.72
C GLY B 98 10.61 -10.52 11.41
N LYS B 99 9.98 -11.47 10.73
CA LYS B 99 9.34 -11.15 9.48
C LYS B 99 7.83 -10.96 9.64
N PHE B 100 7.26 -10.08 8.82
CA PHE B 100 5.84 -9.76 8.87
C PHE B 100 4.97 -11.02 8.77
N ALA B 101 4.07 -11.19 9.74
CA ALA B 101 3.17 -12.33 9.76
C ALA B 101 1.73 -11.93 9.39
N GLY B 102 1.55 -10.66 9.01
CA GLY B 102 0.23 -10.18 8.60
C GLY B 102 -0.69 -9.57 9.66
N ASP B 103 -0.21 -9.50 10.89
CA ASP B 103 -1.04 -8.94 11.96
C ASP B 103 -1.11 -7.42 11.88
N LYS B 104 -2.31 -6.87 12.01
CA LYS B 104 -2.49 -5.43 11.93
C LYS B 104 -3.73 -4.96 12.66
N PHE B 105 -3.77 -3.67 12.95
CA PHE B 105 -4.93 -3.08 13.62
C PHE B 105 -5.46 -1.87 12.86
N HIS B 106 -6.72 -1.54 13.12
CA HIS B 106 -7.33 -0.38 12.52
C HIS B 106 -7.92 0.40 13.67
N ILE B 107 -8.05 1.70 13.49
CA ILE B 107 -8.67 2.55 14.49
C ILE B 107 -9.75 3.26 13.69
N SER B 108 -11.00 3.13 14.13
CA SER B 108 -12.13 3.75 13.44
C SER B 108 -12.85 4.82 14.25
N VAL B 109 -12.75 6.07 13.79
CA VAL B 109 -13.40 7.17 14.47
C VAL B 109 -14.31 7.90 13.49
N LEU B 110 -15.29 8.62 14.02
CA LEU B 110 -16.20 9.40 13.20
C LEU B 110 -15.32 10.24 12.27
N ARG B 111 -15.60 10.17 10.98
CA ARG B 111 -14.85 10.89 9.93
C ARG B 111 -14.37 12.31 10.27
N ASP B 112 -15.18 13.05 11.02
CA ASP B 112 -14.84 14.43 11.36
C ASP B 112 -13.88 14.63 12.51
N MSE B 113 -13.71 13.62 13.34
CA MSE B 113 -12.82 13.75 14.48
C MSE B 113 -11.45 13.10 14.34
O MSE B 113 -10.78 12.83 15.32
CB MSE B 113 -13.51 13.24 15.73
CG MSE B 113 -14.75 14.06 16.07
SE MSE B 113 -15.66 13.41 17.58
CE MSE B 113 -14.79 14.47 18.89
N VAL B 114 -11.03 12.85 13.09
CA VAL B 114 -9.73 12.26 12.82
C VAL B 114 -8.66 13.23 13.34
N PRO B 115 -8.79 14.53 13.03
CA PRO B 115 -7.77 15.47 13.52
C PRO B 115 -7.67 15.47 15.06
N GLN B 116 -8.81 15.34 15.74
CA GLN B 116 -8.82 15.28 17.21
C GLN B 116 -8.29 13.93 17.69
N ALA B 117 -8.70 12.87 17.00
CA ALA B 117 -8.26 11.52 17.33
C ALA B 117 -6.74 11.43 17.12
N PHE B 118 -6.25 12.05 16.05
CA PHE B 118 -4.82 12.02 15.75
C PHE B 118 -4.02 12.74 16.82
N GLN B 119 -4.47 13.93 17.21
CA GLN B 119 -3.76 14.70 18.22
C GLN B 119 -3.71 13.92 19.52
N ALA B 120 -4.83 13.33 19.89
CA ALA B 120 -4.92 12.56 21.12
C ALA B 120 -3.97 11.35 21.14
N LEU B 121 -3.81 10.69 20.00
CA LEU B 121 -2.95 9.51 19.89
C LEU B 121 -1.50 9.77 19.52
N SER B 122 -1.21 10.97 19.03
CA SER B 122 0.13 11.34 18.59
C SER B 122 1.25 11.06 19.58
N GLY B 123 0.99 11.30 20.87
CA GLY B 123 2.04 11.07 21.85
C GLY B 123 2.46 9.62 21.88
N LEU B 124 1.47 8.73 21.79
CA LEU B 124 1.75 7.30 21.80
C LEU B 124 2.32 6.83 20.48
N LEU B 125 1.66 7.16 19.37
CA LEU B 125 2.10 6.74 18.05
C LEU B 125 3.54 7.10 17.69
N PHE B 126 4.08 8.14 18.33
CA PHE B 126 5.46 8.55 18.04
C PHE B 126 6.43 8.19 19.17
N SER B 127 5.91 7.60 20.23
CA SER B 127 6.72 7.20 21.38
C SER B 127 7.88 6.25 21.09
N GLU B 128 9.02 6.47 21.75
CA GLU B 128 10.20 5.62 21.58
C GLU B 128 9.90 4.22 22.14
N ASP B 129 8.86 4.11 22.96
CA ASP B 129 8.49 2.83 23.55
C ASP B 129 7.39 2.12 22.75
N SER B 130 6.84 2.79 21.74
CA SER B 130 5.80 2.18 20.94
C SER B 130 6.26 0.89 20.28
N PRO B 131 5.38 -0.13 20.24
CA PRO B 131 5.70 -1.42 19.63
C PRO B 131 5.47 -1.38 18.12
N VAL B 132 4.68 -0.42 17.67
CA VAL B 132 4.34 -0.27 16.25
C VAL B 132 5.32 0.60 15.48
N ASP B 133 6.18 -0.03 14.67
CA ASP B 133 7.18 0.70 13.88
C ASP B 133 6.60 1.36 12.65
N LYS B 134 5.50 0.80 12.14
CA LYS B 134 4.87 1.35 10.96
C LYS B 134 3.36 1.47 11.13
N TRP B 135 2.84 2.63 10.78
CA TRP B 135 1.41 2.89 10.85
C TRP B 135 1.09 4.01 9.88
N LYS B 136 -0.19 4.32 9.73
CA LYS B 136 -0.58 5.38 8.84
C LYS B 136 -1.93 5.96 9.25
N VAL B 137 -2.20 7.17 8.78
CA VAL B 137 -3.45 7.84 9.08
C VAL B 137 -3.95 8.50 7.81
N THR B 138 -5.26 8.50 7.64
CA THR B 138 -5.86 9.08 6.46
C THR B 138 -5.69 10.61 6.41
N ASP B 139 -5.41 11.11 5.21
CA ASP B 139 -5.25 12.54 4.97
C ASP B 139 -6.62 12.94 4.42
N MSE B 140 -7.41 13.63 5.23
CA MSE B 140 -8.76 14.02 4.85
C MSE B 140 -8.93 14.75 3.51
O MSE B 140 -9.97 14.61 2.87
CB MSE B 140 -9.40 14.83 5.97
CG MSE B 140 -9.57 14.00 7.26
SE MSE B 140 -10.45 12.24 6.95
CE MSE B 140 -11.99 12.87 5.96
N GLU B 141 -7.94 15.53 3.09
CA GLU B 141 -8.06 16.21 1.80
C GLU B 141 -8.02 15.14 0.69
N LYS B 142 -7.04 14.25 0.77
CA LYS B 142 -6.89 13.17 -0.20
C LYS B 142 -8.09 12.26 -0.22
N VAL B 143 -8.71 12.07 0.94
CA VAL B 143 -9.90 11.23 1.05
C VAL B 143 -11.01 11.83 0.20
N VAL B 144 -11.14 13.15 0.28
CA VAL B 144 -12.16 13.89 -0.45
C VAL B 144 -11.85 13.91 -1.94
N GLN B 145 -10.61 14.24 -2.27
CA GLN B 145 -10.15 14.31 -3.66
C GLN B 145 -10.45 13.00 -4.40
N GLN B 146 -10.16 11.87 -3.75
CA GLN B 146 -10.40 10.57 -4.35
C GLN B 146 -11.77 10.02 -3.96
N ALA B 147 -12.65 10.92 -3.53
CA ALA B 147 -14.01 10.55 -3.13
C ALA B 147 -14.03 9.22 -2.39
N ARG B 148 -13.14 9.07 -1.41
CA ARG B 148 -13.07 7.86 -0.62
C ARG B 148 -14.16 7.86 0.46
N VAL B 149 -14.49 6.67 0.94
CA VAL B 149 -15.48 6.52 1.99
C VAL B 149 -14.72 6.32 3.29
N SER B 150 -14.71 7.36 4.12
CA SER B 150 -14.00 7.29 5.40
C SER B 150 -14.96 7.07 6.57
N LEU B 151 -15.73 5.98 6.50
CA LEU B 151 -16.68 5.63 7.55
C LEU B 151 -15.99 4.88 8.68
N GLY B 152 -14.68 4.67 8.56
CA GLY B 152 -13.93 3.98 9.58
C GLY B 152 -12.50 3.68 9.19
N ALA B 153 -11.82 2.88 10.02
CA ALA B 153 -10.43 2.47 9.81
C ALA B 153 -9.49 3.55 9.23
N GLN B 154 -9.45 4.71 9.86
CA GLN B 154 -8.60 5.83 9.42
C GLN B 154 -7.15 5.76 9.95
N PHE B 155 -6.84 4.73 10.73
CA PHE B 155 -5.49 4.48 11.26
C PHE B 155 -5.21 3.01 11.03
N THR B 156 -3.98 2.67 10.67
CA THR B 156 -3.60 1.27 10.46
C THR B 156 -2.30 1.11 11.21
N LEU B 157 -2.26 0.08 12.06
CA LEU B 157 -1.07 -0.19 12.85
C LEU B 157 -0.53 -1.54 12.42
N TYR B 158 0.67 -1.51 11.84
CA TYR B 158 1.31 -2.72 11.37
C TYR B 158 2.17 -3.30 12.48
N ILE B 159 2.10 -4.62 12.62
CA ILE B 159 2.83 -5.34 13.66
C ILE B 159 3.50 -6.60 13.12
N LYS B 160 4.68 -6.91 13.64
CA LYS B 160 5.43 -8.12 13.23
C LYS B 160 6.27 -8.55 14.43
N PRO B 161 6.55 -9.87 14.55
CA PRO B 161 7.35 -10.34 15.68
C PRO B 161 8.67 -9.61 15.88
N ASP B 162 9.11 -9.56 17.13
CA ASP B 162 10.34 -8.88 17.52
C ASP B 162 11.62 -9.70 17.38
N GLN B 163 11.54 -11.01 17.63
CA GLN B 163 12.69 -11.88 17.56
C GLN B 163 13.08 -12.24 16.13
N GLU B 164 14.38 -12.48 15.93
CA GLU B 164 14.92 -12.83 14.61
C GLU B 164 14.24 -14.04 13.99
N ASN B 165 13.91 -15.01 14.83
CA ASN B 165 13.27 -16.23 14.37
C ASN B 165 11.82 -16.05 13.97
N SER B 166 11.34 -14.81 14.05
CA SER B 166 9.97 -14.47 13.67
C SER B 166 8.89 -15.00 14.61
N GLN B 167 9.25 -15.22 15.87
CA GLN B 167 8.30 -15.68 16.85
C GLN B 167 8.03 -14.52 17.80
N TYR B 168 6.77 -14.34 18.16
CA TYR B 168 6.40 -13.27 19.08
C TYR B 168 6.88 -13.68 20.46
N SER B 169 7.54 -12.77 21.17
CA SER B 169 8.00 -13.08 22.52
C SER B 169 6.86 -12.70 23.44
N ALA B 170 6.82 -13.25 24.65
CA ALA B 170 5.73 -12.94 25.56
C ALA B 170 5.73 -11.45 25.93
N SER B 171 6.90 -10.89 26.20
CA SER B 171 6.98 -9.48 26.56
C SER B 171 6.52 -8.56 25.43
N PHE B 172 6.83 -8.92 24.20
CA PHE B 172 6.41 -8.07 23.09
C PHE B 172 4.90 -8.08 22.90
N LEU B 173 4.28 -9.25 23.07
CA LEU B 173 2.83 -9.38 22.91
C LEU B 173 2.11 -8.61 24.01
N HIS B 174 2.70 -8.61 25.20
CA HIS B 174 2.11 -7.91 26.33
C HIS B 174 2.21 -6.40 26.10
N LYS B 175 3.34 -5.96 25.57
CA LYS B 175 3.55 -4.54 25.29
C LYS B 175 2.55 -4.11 24.20
N THR B 176 2.45 -4.91 23.15
CA THR B 176 1.54 -4.62 22.06
C THR B 176 0.10 -4.52 22.56
N ARG B 177 -0.31 -5.48 23.38
CA ARG B 177 -1.67 -5.50 23.93
C ARG B 177 -1.97 -4.27 24.77
N GLN B 178 -1.00 -3.84 25.56
CA GLN B 178 -1.22 -2.67 26.39
C GLN B 178 -1.24 -1.37 25.60
N PHE B 179 -0.47 -1.34 24.51
CA PHE B 179 -0.40 -0.17 23.66
C PHE B 179 -1.81 0.03 23.09
N ILE B 180 -2.32 -1.02 22.46
CA ILE B 180 -3.64 -1.01 21.85
C ILE B 180 -4.70 -0.54 22.83
N GLU B 181 -4.58 -0.97 24.08
CA GLU B 181 -5.55 -0.58 25.11
C GLU B 181 -5.30 0.84 25.58
N CYS B 182 -4.08 1.35 25.39
CA CYS B 182 -3.78 2.73 25.77
C CYS B 182 -4.39 3.65 24.71
N LEU B 183 -4.34 3.21 23.45
CA LEU B 183 -4.91 3.99 22.36
C LEU B 183 -6.42 4.05 22.56
N GLU B 184 -7.00 2.88 22.84
CA GLU B 184 -8.43 2.72 23.07
C GLU B 184 -8.88 3.67 24.19
N SER B 185 -8.18 3.60 25.32
CA SER B 185 -8.47 4.42 26.48
C SER B 185 -8.29 5.92 26.25
N ARG B 186 -7.27 6.29 25.47
CA ARG B 186 -7.01 7.69 25.18
C ARG B 186 -8.12 8.33 24.34
N LEU B 187 -8.68 7.55 23.41
CA LEU B 187 -9.74 8.04 22.54
C LEU B 187 -11.03 8.27 23.30
N SER B 188 -11.44 7.30 24.13
CA SER B 188 -12.67 7.45 24.90
C SER B 188 -12.55 8.55 25.96
N GLU B 189 -11.35 8.76 26.49
CA GLU B 189 -11.15 9.81 27.49
C GLU B 189 -11.28 11.18 26.81
N ASN B 190 -10.98 11.23 25.52
CA ASN B 190 -11.08 12.48 24.76
C ASN B 190 -12.44 12.60 24.11
N GLY B 191 -13.35 11.73 24.52
CA GLY B 191 -14.70 11.74 23.98
C GLY B 191 -14.80 11.52 22.49
N VAL B 192 -13.76 10.98 21.86
CA VAL B 192 -13.83 10.77 20.43
C VAL B 192 -14.98 9.81 20.10
N ILE B 193 -15.73 10.15 19.06
CA ILE B 193 -16.86 9.34 18.64
C ILE B 193 -16.37 8.17 17.78
N SER B 194 -16.92 7.00 18.05
CA SER B 194 -16.52 5.82 17.31
C SER B 194 -17.09 5.81 15.90
N GLY B 195 -16.39 5.14 15.01
CA GLY B 195 -16.83 5.02 13.64
C GLY B 195 -17.22 3.58 13.40
N GLN B 196 -17.36 3.21 12.13
CA GLN B 196 -17.73 1.84 11.76
C GLN B 196 -16.48 1.05 11.40
N CYS B 197 -16.17 0.03 12.19
CA CYS B 197 -15.01 -0.77 11.90
C CYS B 197 -15.28 -1.54 10.60
N PRO B 198 -14.24 -1.80 9.80
CA PRO B 198 -14.45 -2.52 8.54
C PRO B 198 -15.04 -3.91 8.72
N GLU B 199 -15.88 -4.30 7.77
CA GLU B 199 -16.57 -5.59 7.80
C GLU B 199 -15.65 -6.81 7.89
N SER B 200 -14.50 -6.75 7.24
CA SER B 200 -13.55 -7.86 7.24
C SER B 200 -12.72 -7.96 8.54
N ASP B 201 -13.03 -7.10 9.50
CA ASP B 201 -12.31 -7.08 10.76
C ASP B 201 -13.15 -7.65 11.90
N VAL B 202 -12.49 -7.98 13.00
CA VAL B 202 -13.15 -8.51 14.18
C VAL B 202 -12.66 -7.68 15.35
N HIS B 203 -13.43 -7.68 16.43
CA HIS B 203 -13.05 -6.92 17.61
C HIS B 203 -13.94 -7.30 18.76
N PRO B 204 -13.39 -7.32 19.99
CA PRO B 204 -14.22 -7.67 21.15
C PRO B 204 -15.21 -6.54 21.40
N GLU B 205 -16.13 -6.77 22.32
CA GLU B 205 -17.13 -5.77 22.67
C GLU B 205 -16.50 -4.59 23.43
N ASN B 206 -15.33 -4.82 24.03
CA ASN B 206 -14.62 -3.80 24.81
C ASN B 206 -13.81 -2.84 23.92
N TRP B 207 -13.64 -3.19 22.65
CA TRP B 207 -12.89 -2.33 21.73
C TRP B 207 -13.90 -1.47 20.97
N LYS B 208 -13.89 -0.16 21.26
CA LYS B 208 -14.81 0.78 20.63
C LYS B 208 -14.22 1.38 19.36
N TYR B 209 -12.90 1.42 19.25
CA TYR B 209 -12.28 2.00 18.07
C TYR B 209 -11.39 1.03 17.32
N LEU B 210 -10.62 0.23 18.06
CA LEU B 210 -9.70 -0.75 17.48
C LEU B 210 -10.37 -1.99 16.93
N SER B 211 -9.80 -2.55 15.87
CA SER B 211 -10.29 -3.78 15.25
C SER B 211 -9.07 -4.53 14.77
N TYR B 212 -9.21 -5.84 14.60
CA TYR B 212 -8.10 -6.68 14.16
C TYR B 212 -8.33 -7.37 12.83
N ARG B 213 -7.22 -7.60 12.15
CA ARG B 213 -7.23 -8.27 10.87
C ARG B 213 -5.85 -8.84 10.57
N ASN B 214 -5.83 -9.91 9.78
CA ASN B 214 -4.58 -10.53 9.38
C ASN B 214 -4.66 -10.67 7.87
N GLU B 215 -3.88 -9.86 7.16
CA GLU B 215 -3.90 -9.87 5.70
C GLU B 215 -3.32 -11.08 4.97
N LEU B 216 -2.90 -12.10 5.71
CA LEU B 216 -2.36 -13.30 5.05
C LEU B 216 -3.40 -14.41 5.14
N ARG B 217 -4.54 -14.09 5.72
CA ARG B 217 -5.63 -15.05 5.89
C ARG B 217 -6.99 -14.36 5.97
N GLY B 223 -16.34 -13.90 4.03
CA GLY B 223 -17.55 -13.37 4.63
C GLY B 223 -17.53 -13.45 6.14
N GLU B 224 -18.56 -14.06 6.73
CA GLU B 224 -18.64 -14.19 8.18
C GLU B 224 -17.86 -15.44 8.55
N MSE B 225 -17.54 -16.23 7.53
CA MSE B 225 -16.78 -17.46 7.69
C MSE B 225 -15.33 -17.02 7.81
O MSE B 225 -14.49 -17.73 8.35
CB MSE B 225 -16.99 -18.37 6.47
CG MSE B 225 -16.65 -19.84 6.70
SE MSE B 225 -17.80 -21.05 5.68
CE MSE B 225 -17.52 -22.67 6.72
N GLN B 226 -15.05 -15.81 7.32
CA GLN B 226 -13.72 -15.22 7.37
C GLN B 226 -13.55 -14.34 8.61
N ARG B 227 -14.59 -14.28 9.44
CA ARG B 227 -14.56 -13.49 10.66
C ARG B 227 -14.32 -14.39 11.85
N GLN B 228 -15.02 -15.52 11.92
CA GLN B 228 -14.83 -16.43 13.04
C GLN B 228 -13.50 -17.12 12.87
N ALA B 229 -12.93 -16.98 11.67
CA ALA B 229 -11.63 -17.57 11.40
C ALA B 229 -10.62 -16.71 12.17
N LEU B 230 -10.65 -15.41 11.87
CA LEU B 230 -9.77 -14.42 12.52
C LEU B 230 -10.04 -14.43 14.02
N ARG B 231 -11.31 -14.58 14.35
CA ARG B 231 -11.79 -14.61 15.72
C ARG B 231 -11.10 -15.69 16.54
N GLU B 232 -10.71 -16.78 15.89
CA GLU B 232 -10.06 -17.88 16.58
C GLU B 232 -8.56 -17.89 16.33
N GLU B 233 -8.08 -16.80 15.74
CA GLU B 233 -6.67 -16.60 15.45
C GLU B 233 -5.97 -16.44 16.81
N PRO B 234 -4.94 -17.25 17.09
CA PRO B 234 -4.24 -17.15 18.39
C PRO B 234 -3.73 -15.75 18.74
N PHE B 235 -3.27 -15.02 17.74
CA PHE B 235 -2.78 -13.67 17.99
C PHE B 235 -3.91 -12.78 18.49
N TYR B 236 -5.05 -12.86 17.82
CA TYR B 236 -6.19 -12.06 18.20
C TYR B 236 -6.68 -12.42 19.60
N ARG B 237 -6.82 -13.71 19.85
CA ARG B 237 -7.27 -14.15 21.17
C ARG B 237 -6.31 -13.69 22.27
N LEU B 238 -5.02 -13.69 21.99
CA LEU B 238 -4.07 -13.25 23.01
C LEU B 238 -4.19 -11.75 23.30
N MSE B 239 -4.78 -10.99 22.37
CA MSE B 239 -4.97 -9.55 22.53
C MSE B 239 -6.27 -9.23 23.25
O MSE B 239 -6.44 -8.14 23.79
CB MSE B 239 -5.03 -8.86 21.16
CG MSE B 239 -3.78 -8.94 20.33
SE MSE B 239 -2.40 -7.80 21.05
CE MSE B 239 -1.20 -9.17 21.68
N THR B 240 -7.19 -10.19 23.26
CA THR B 240 -8.51 -9.99 23.83
C THR B 240 -8.94 -10.74 25.10
N GLU B 241 -8.46 -11.95 25.31
CA GLU B 241 -8.88 -12.72 26.49
C GLU B 241 -7.83 -12.77 27.59
O1 TLA C . 4.07 2.98 -2.20
O11 TLA C . 5.99 2.98 -1.07
C1 TLA C . 4.62 2.71 -1.24
C2 TLA C . 3.96 2.11 -0.06
O2 TLA C . 2.55 1.95 -0.17
C3 TLA C . 4.53 2.69 1.35
O3 TLA C . 4.46 4.06 1.25
C4 TLA C . 3.64 2.14 2.44
O4 TLA C . 2.93 2.76 3.04
O41 TLA C . 3.70 1.02 2.84
#